data_1CFS
#
_entry.id   1CFS
#
_cell.length_a   85.320
_cell.length_b   85.320
_cell.length_c   136.770
_cell.angle_alpha   90.00
_cell.angle_beta   90.00
_cell.angle_gamma   90.00
#
_symmetry.space_group_name_H-M   'P 43 21 2'
#
loop_
_entity.id
_entity.type
_entity.pdbx_description
1 polymer 'PROTEIN (IGG2A KAPPA ANTIBODY CB41 (LIGHT CHAIN))'
2 polymer 'PROTEIN (IGG2A KAPPA ANTIBODY CB41 (HEAVY CHAIN))'
3 polymer 'PROTEIN (ANTIGEN BOUND PEPTIDE)'
4 water water
#
loop_
_entity_poly.entity_id
_entity_poly.type
_entity_poly.pdbx_seq_one_letter_code
_entity_poly.pdbx_strand_id
1 'polypeptide(L)'
;DIKMTQSPSSMYTSLGERVTITCKASQDINSFLTWFLQKPGKSPKTLIYRANRLMIGVPSRFSGSGSGQTYSLTISSLEY
EDMGIYYCLQYDDFPLTFGAGTKLDLKRADAAPTVSIFPPSSEQLTSGGASVVCFLNNFYPKEINVKWKIDGSERQNGVL
DSWTEQDSKDSTYSMSSTLTLTKDEYERHNSYTCEATHKTSTSPIVKSFNRNEC
;
A
2 'polypeptide(L)'
;QDQLQQSGAELVRPGASVKLSCKALGYIFTDYEIHWVKQTPVHGLEWIGGIHPGSSGTAYNQKFKGKATLTADKSSTTAF
MELSSLTSEDSAVYYCTRKDYWGQGTLVTVSAAKTTAPSVYPLVPVCGGTTGSSVTLGCLVKGYFPEPVTLTWNSGSLSS
GVHTFPALLQSGLYTLSSSVTVTSNTWPSQTITCNVAHPASSTKVDKKIEPRV
;
B
3 'polypeptide(L)' GLYEWGGARIT C
#
# COMPACT_ATOMS: atom_id res chain seq x y z
N ASP A 1 15.75 -21.60 -8.44
CA ASP A 1 14.89 -20.50 -8.84
C ASP A 1 15.55 -19.58 -9.86
N ILE A 2 14.77 -18.75 -10.55
CA ILE A 2 15.33 -17.89 -11.60
C ILE A 2 15.27 -16.47 -11.11
N LYS A 3 16.40 -15.91 -10.63
CA LYS A 3 16.26 -14.54 -10.09
C LYS A 3 15.73 -13.76 -11.29
N MET A 4 14.65 -13.01 -11.11
CA MET A 4 14.12 -12.15 -12.16
C MET A 4 14.49 -10.72 -11.72
N THR A 5 15.15 -9.96 -12.57
CA THR A 5 15.62 -8.62 -12.32
C THR A 5 14.92 -7.62 -13.23
N GLN A 6 14.09 -6.78 -12.64
CA GLN A 6 13.35 -5.76 -13.35
C GLN A 6 13.78 -4.35 -12.96
N SER A 7 14.17 -3.57 -13.97
CA SER A 7 14.69 -2.23 -13.84
C SER A 7 14.07 -1.28 -14.86
N PRO A 8 13.80 -0.05 -14.47
CA PRO A 8 14.01 0.47 -13.15
C PRO A 8 13.08 -0.11 -12.09
N SER A 9 13.17 0.37 -10.86
CA SER A 9 12.29 -0.02 -9.79
C SER A 9 11.05 0.89 -9.74
N SER A 10 11.23 2.12 -10.17
CA SER A 10 10.25 3.18 -10.18
C SER A 10 10.67 4.12 -11.30
N MET A 11 9.75 4.92 -11.79
CA MET A 11 10.12 5.89 -12.84
C MET A 11 9.12 7.04 -12.86
N TYR A 12 9.60 8.19 -13.31
CA TYR A 12 8.94 9.48 -13.39
C TYR A 12 8.88 9.92 -14.85
N THR A 13 7.68 9.78 -15.39
CA THR A 13 7.38 9.97 -16.79
C THR A 13 6.24 10.95 -17.00
N SER A 14 6.12 11.42 -18.24
CA SER A 14 5.01 12.31 -18.55
C SER A 14 4.18 11.73 -19.70
N LEU A 15 2.90 12.08 -19.69
CA LEU A 15 2.04 11.70 -20.80
C LEU A 15 2.72 12.10 -22.11
N GLY A 16 2.78 11.18 -23.06
CA GLY A 16 3.32 11.40 -24.38
C GLY A 16 4.66 10.70 -24.59
N GLU A 17 5.36 10.51 -23.47
CA GLU A 17 6.66 9.89 -23.56
C GLU A 17 6.63 8.38 -23.71
N ARG A 18 7.71 7.88 -24.28
CA ARG A 18 8.07 6.54 -24.60
C ARG A 18 8.69 5.82 -23.41
N VAL A 19 8.01 4.85 -22.83
CA VAL A 19 8.53 4.09 -21.72
C VAL A 19 9.09 2.73 -22.06
N THR A 20 10.21 2.38 -21.40
CA THR A 20 10.79 1.07 -21.49
C THR A 20 11.18 0.52 -20.12
N ILE A 21 10.67 -0.62 -19.76
CA ILE A 21 10.97 -1.38 -18.58
C ILE A 21 11.72 -2.62 -19.04
N THR A 22 12.75 -3.09 -18.36
CA THR A 22 13.47 -4.30 -18.74
C THR A 22 13.34 -5.43 -17.74
N CYS A 23 13.32 -6.68 -18.23
CA CYS A 23 13.25 -7.84 -17.35
C CYS A 23 14.45 -8.74 -17.65
N LYS A 24 15.17 -9.05 -16.57
CA LYS A 24 16.36 -9.91 -16.81
C LYS A 24 16.25 -11.17 -15.97
N ALA A 25 16.37 -12.28 -16.71
CA ALA A 25 16.22 -13.60 -16.09
C ALA A 25 17.61 -14.23 -15.96
N SER A 26 17.76 -14.95 -14.86
CA SER A 26 18.98 -15.62 -14.47
C SER A 26 19.31 -16.77 -15.39
N GLN A 27 18.42 -17.21 -16.23
CA GLN A 27 18.61 -18.23 -17.25
C GLN A 27 17.83 -17.82 -18.52
N ASP A 28 17.96 -18.69 -19.51
CA ASP A 28 17.22 -18.62 -20.77
C ASP A 28 15.78 -19.07 -20.45
N ILE A 29 14.83 -18.16 -20.53
CA ILE A 29 13.45 -18.57 -20.19
C ILE A 29 12.58 -18.83 -21.40
N ASN A 30 13.26 -19.00 -22.56
CA ASN A 30 12.73 -19.46 -23.81
C ASN A 30 11.58 -18.63 -24.30
N SER A 31 11.65 -17.35 -24.02
CA SER A 31 10.59 -16.37 -24.30
C SER A 31 9.32 -16.66 -23.50
N PHE A 32 9.44 -17.41 -22.39
CA PHE A 32 8.31 -17.72 -21.54
C PHE A 32 8.23 -16.60 -20.51
N LEU A 33 7.76 -15.46 -20.99
CA LEU A 33 7.62 -14.25 -20.23
C LEU A 33 6.25 -13.62 -20.38
N THR A 34 5.71 -13.13 -19.27
CA THR A 34 4.42 -12.45 -19.31
C THR A 34 4.51 -11.07 -18.71
N TRP A 35 3.89 -10.06 -19.25
CA TRP A 35 3.86 -8.72 -18.66
C TRP A 35 2.46 -8.37 -18.17
N PHE A 36 2.42 -7.73 -16.99
CA PHE A 36 1.14 -7.34 -16.41
C PHE A 36 1.20 -6.16 -15.45
N LEU A 37 0.05 -5.49 -15.40
CA LEU A 37 -0.18 -4.24 -14.73
C LEU A 37 -1.03 -4.35 -13.50
N GLN A 38 -0.51 -3.80 -12.42
CA GLN A 38 -1.27 -3.69 -11.20
C GLN A 38 -1.63 -2.20 -11.00
N LYS A 39 -2.92 -1.94 -11.14
CA LYS A 39 -3.45 -0.60 -10.91
C LYS A 39 -3.84 -0.64 -9.44
N PRO A 40 -3.45 0.40 -8.71
CA PRO A 40 -3.61 0.54 -7.28
C PRO A 40 -5.02 0.25 -6.82
N GLY A 41 -5.15 -0.81 -6.03
CA GLY A 41 -6.43 -1.27 -5.53
C GLY A 41 -6.97 -2.38 -6.41
N LYS A 42 -6.25 -2.81 -7.44
CA LYS A 42 -6.78 -3.80 -8.38
C LYS A 42 -5.95 -5.05 -8.64
N SER A 43 -6.66 -6.07 -9.14
CA SER A 43 -6.01 -7.36 -9.44
C SER A 43 -5.27 -7.27 -10.76
N PRO A 44 -4.11 -7.88 -10.86
CA PRO A 44 -3.36 -7.79 -12.09
C PRO A 44 -4.16 -7.99 -13.38
N LYS A 45 -3.75 -7.25 -14.40
CA LYS A 45 -4.24 -7.34 -15.76
C LYS A 45 -3.12 -7.77 -16.72
N THR A 46 -3.35 -8.86 -17.43
CA THR A 46 -2.34 -9.33 -18.39
C THR A 46 -2.33 -8.46 -19.64
N LEU A 47 -1.13 -8.16 -20.13
CA LEU A 47 -0.96 -7.28 -21.28
C LEU A 47 -0.30 -8.03 -22.43
N ILE A 48 0.80 -8.69 -22.05
CA ILE A 48 1.61 -9.41 -23.01
C ILE A 48 2.00 -10.79 -22.50
N TYR A 49 1.89 -11.79 -23.39
CA TYR A 49 2.29 -13.14 -23.07
C TYR A 49 3.28 -13.60 -24.13
N ARG A 50 3.96 -14.68 -23.78
CA ARG A 50 5.07 -15.34 -24.39
C ARG A 50 5.94 -14.29 -25.04
N ALA A 51 6.53 -13.40 -24.21
CA ALA A 51 7.46 -12.41 -24.67
C ALA A 51 6.90 -11.26 -25.49
N ASN A 52 6.23 -11.57 -26.58
CA ASN A 52 5.71 -10.51 -27.43
C ASN A 52 4.27 -10.65 -27.83
N ARG A 53 3.37 -11.45 -27.32
CA ARG A 53 1.98 -11.40 -27.82
C ARG A 53 1.06 -10.57 -26.94
N LEU A 54 0.43 -9.58 -27.53
CA LEU A 54 -0.49 -8.67 -26.84
C LEU A 54 -1.76 -9.43 -26.50
N MET A 55 -2.21 -9.40 -25.28
CA MET A 55 -3.48 -9.94 -24.83
C MET A 55 -4.58 -9.19 -25.58
N ILE A 56 -5.66 -9.86 -25.83
CA ILE A 56 -6.79 -9.34 -26.57
C ILE A 56 -7.37 -8.17 -25.80
N GLY A 57 -7.66 -7.05 -26.41
CA GLY A 57 -8.22 -5.92 -25.64
C GLY A 57 -7.15 -4.85 -25.50
N VAL A 58 -5.95 -5.33 -25.14
CA VAL A 58 -4.84 -4.42 -24.91
C VAL A 58 -4.68 -3.47 -26.08
N PRO A 59 -4.41 -2.21 -25.86
CA PRO A 59 -4.17 -1.26 -26.93
C PRO A 59 -2.82 -1.53 -27.58
N SER A 60 -2.51 -1.12 -28.79
CA SER A 60 -1.25 -1.38 -29.47
C SER A 60 -0.10 -0.46 -29.15
N ARG A 61 -0.28 0.51 -28.27
CA ARG A 61 0.77 1.34 -27.66
C ARG A 61 1.74 0.43 -26.88
N PHE A 62 1.26 -0.68 -26.30
CA PHE A 62 1.98 -1.67 -25.58
C PHE A 62 2.66 -2.67 -26.52
N SER A 63 3.91 -2.99 -26.23
CA SER A 63 4.61 -3.92 -27.09
C SER A 63 5.75 -4.53 -26.27
N GLY A 64 6.16 -5.74 -26.61
CA GLY A 64 7.07 -6.54 -25.86
C GLY A 64 8.35 -7.08 -26.41
N SER A 65 9.14 -7.39 -25.42
CA SER A 65 10.42 -7.93 -25.09
C SER A 65 11.38 -8.37 -26.17
N GLY A 66 12.31 -9.24 -25.78
CA GLY A 66 13.34 -9.75 -26.67
C GLY A 66 13.34 -11.27 -26.76
N SER A 67 14.31 -11.93 -26.14
CA SER A 67 14.42 -13.37 -26.10
C SER A 67 15.69 -13.72 -25.34
N GLY A 68 16.00 -14.99 -25.20
CA GLY A 68 17.26 -15.34 -24.52
C GLY A 68 17.06 -15.01 -23.06
N GLN A 69 17.77 -13.98 -22.57
CA GLN A 69 17.46 -13.78 -21.12
C GLN A 69 17.03 -12.39 -20.73
N THR A 70 17.00 -11.40 -21.59
CA THR A 70 16.59 -10.06 -21.17
C THR A 70 15.43 -9.69 -22.07
N TYR A 71 14.40 -9.12 -21.48
CA TYR A 71 13.16 -8.83 -22.19
C TYR A 71 12.75 -7.41 -21.89
N SER A 72 11.95 -6.74 -22.69
CA SER A 72 11.41 -5.42 -22.30
C SER A 72 9.96 -5.20 -22.70
N LEU A 73 9.16 -4.44 -21.98
CA LEU A 73 7.80 -4.05 -22.45
C LEU A 73 7.95 -2.56 -22.82
N THR A 74 7.75 -2.19 -24.09
CA THR A 74 7.91 -0.78 -24.44
C THR A 74 6.53 -0.13 -24.50
N ILE A 75 6.32 1.03 -23.89
CA ILE A 75 5.07 1.74 -24.05
C ILE A 75 5.32 2.87 -25.06
N SER A 76 4.73 2.82 -26.26
CA SER A 76 5.12 3.85 -27.23
C SER A 76 4.92 5.29 -26.74
N SER A 77 3.68 5.62 -26.38
CA SER A 77 3.34 6.92 -25.82
C SER A 77 2.50 6.70 -24.55
N LEU A 78 2.96 7.20 -23.43
CA LEU A 78 2.37 6.99 -22.12
C LEU A 78 1.01 7.64 -21.95
N GLU A 79 0.04 6.90 -21.45
CA GLU A 79 -1.28 7.51 -21.23
C GLU A 79 -1.63 7.25 -19.76
N TYR A 80 -2.42 8.11 -19.18
CA TYR A 80 -2.82 8.17 -17.79
C TYR A 80 -3.24 6.81 -17.30
N GLU A 81 -4.15 6.21 -18.04
CA GLU A 81 -4.65 4.86 -17.79
C GLU A 81 -3.50 3.92 -17.48
N ASP A 82 -2.31 3.99 -18.02
CA ASP A 82 -1.15 3.18 -17.82
C ASP A 82 -0.39 3.31 -16.51
N MET A 83 -0.83 4.20 -15.63
CA MET A 83 -0.17 4.37 -14.35
C MET A 83 -0.59 3.26 -13.37
N GLY A 84 0.39 2.51 -12.95
CA GLY A 84 0.27 1.41 -12.00
C GLY A 84 1.70 0.83 -11.86
N ILE A 85 1.80 -0.30 -11.19
CA ILE A 85 3.11 -1.00 -11.13
C ILE A 85 3.04 -2.07 -12.23
N TYR A 86 4.19 -2.27 -12.87
CA TYR A 86 4.31 -3.24 -13.96
C TYR A 86 5.07 -4.43 -13.39
N TYR A 87 4.87 -5.66 -13.82
CA TYR A 87 5.50 -6.86 -13.34
C TYR A 87 5.71 -7.87 -14.47
N CYS A 88 6.88 -8.56 -14.39
CA CYS A 88 7.13 -9.57 -15.42
C CYS A 88 7.17 -10.91 -14.69
N LEU A 89 6.82 -11.94 -15.46
CA LEU A 89 6.79 -13.30 -14.90
C LEU A 89 7.23 -14.33 -15.95
N GLN A 90 8.11 -15.25 -15.58
CA GLN A 90 8.67 -16.33 -16.37
C GLN A 90 7.86 -17.56 -15.98
N TYR A 91 7.60 -18.43 -16.90
CA TYR A 91 6.75 -19.59 -16.61
C TYR A 91 7.36 -20.76 -17.36
N ASP A 92 8.64 -20.62 -17.66
CA ASP A 92 9.47 -21.62 -18.29
C ASP A 92 9.64 -22.83 -17.39
N ASP A 93 9.70 -22.62 -16.10
CA ASP A 93 9.90 -23.66 -15.10
C ASP A 93 9.34 -23.36 -13.73
N PHE A 94 9.19 -24.30 -12.82
CA PHE A 94 8.71 -24.05 -11.48
C PHE A 94 9.87 -24.00 -10.48
N PRO A 95 9.70 -23.23 -9.43
CA PRO A 95 8.53 -22.41 -9.23
C PRO A 95 8.37 -21.26 -10.20
N LEU A 96 7.28 -20.52 -10.22
CA LEU A 96 7.05 -19.38 -11.05
C LEU A 96 7.60 -18.19 -10.27
N THR A 97 8.36 -17.31 -10.91
CA THR A 97 8.96 -16.21 -10.19
C THR A 97 8.71 -14.86 -10.83
N PHE A 98 8.46 -13.83 -10.00
CA PHE A 98 8.15 -12.51 -10.52
C PHE A 98 9.35 -11.58 -10.34
N GLY A 99 9.42 -10.53 -11.17
CA GLY A 99 10.38 -9.46 -11.11
C GLY A 99 9.89 -8.57 -9.97
N ALA A 100 10.61 -7.61 -9.43
CA ALA A 100 10.16 -6.88 -8.23
C ALA A 100 9.22 -5.71 -8.49
N GLY A 101 8.85 -5.47 -9.75
CA GLY A 101 7.90 -4.47 -10.18
C GLY A 101 8.66 -3.17 -10.45
N THR A 102 7.94 -2.33 -11.18
CA THR A 102 8.33 -1.00 -11.61
C THR A 102 7.12 -0.08 -11.37
N LYS A 103 7.20 0.93 -10.54
CA LYS A 103 6.10 1.84 -10.31
C LYS A 103 6.19 3.06 -11.20
N LEU A 104 5.08 3.44 -11.80
CA LEU A 104 5.01 4.59 -12.70
C LEU A 104 4.20 5.69 -12.04
N ASP A 105 4.73 6.90 -12.03
CA ASP A 105 4.05 8.04 -11.43
C ASP A 105 4.20 9.21 -12.44
N LEU A 106 3.30 10.16 -12.26
CA LEU A 106 3.35 11.34 -13.14
C LEU A 106 4.35 12.34 -12.61
N LYS A 107 5.08 13.00 -13.49
CA LYS A 107 6.19 13.86 -13.11
C LYS A 107 5.91 15.35 -13.13
N ARG A 108 6.58 16.07 -12.20
CA ARG A 108 6.39 17.52 -12.24
C ARG A 108 7.56 18.40 -11.84
N ALA A 109 7.26 19.70 -11.97
CA ALA A 109 8.17 20.77 -11.54
C ALA A 109 8.30 20.53 -10.03
N ASP A 110 9.46 20.77 -9.47
CA ASP A 110 9.60 20.56 -8.04
C ASP A 110 8.65 21.38 -7.19
N ALA A 111 8.25 20.81 -6.06
CA ALA A 111 7.44 21.54 -5.09
C ALA A 111 7.92 21.10 -3.70
N ALA A 112 8.18 22.03 -2.79
CA ALA A 112 8.66 21.68 -1.45
C ALA A 112 7.51 21.60 -0.44
N PRO A 113 7.70 20.84 0.61
CA PRO A 113 6.71 20.63 1.64
C PRO A 113 6.32 21.75 2.59
N THR A 114 5.06 21.77 2.98
CA THR A 114 4.53 22.61 4.04
C THR A 114 4.61 21.71 5.29
N VAL A 115 5.48 22.06 6.23
CA VAL A 115 5.61 21.19 7.41
C VAL A 115 4.87 21.81 8.57
N SER A 116 4.19 20.99 9.36
CA SER A 116 3.38 21.39 10.49
C SER A 116 3.63 20.40 11.64
N ILE A 117 3.80 20.95 12.81
CA ILE A 117 4.10 20.23 14.03
C ILE A 117 3.04 20.56 15.08
N PHE A 118 2.65 19.47 15.75
CA PHE A 118 1.61 19.36 16.74
C PHE A 118 2.10 18.64 17.99
N PRO A 119 2.28 19.34 19.09
CA PRO A 119 2.61 18.71 20.38
C PRO A 119 1.39 17.91 20.81
N PRO A 120 1.54 16.88 21.61
CA PRO A 120 0.43 16.06 22.04
C PRO A 120 -0.75 16.88 22.52
N SER A 121 -1.92 16.26 22.44
CA SER A 121 -3.18 16.85 22.87
C SER A 121 -3.15 16.76 24.39
N SER A 122 -3.98 17.57 25.06
CA SER A 122 -4.03 17.38 26.52
C SER A 122 -4.56 15.98 26.82
N GLU A 123 -5.70 15.64 26.21
CA GLU A 123 -6.47 14.45 26.33
C GLU A 123 -5.68 13.16 26.37
N GLN A 124 -4.81 12.98 25.38
CA GLN A 124 -3.94 11.83 25.23
C GLN A 124 -2.90 11.83 26.34
N LEU A 125 -2.41 13.04 26.69
CA LEU A 125 -1.45 13.15 27.79
C LEU A 125 -2.13 12.72 29.07
N THR A 126 -3.40 13.08 29.29
CA THR A 126 -4.21 12.64 30.41
C THR A 126 -4.47 11.14 30.49
N SER A 127 -4.00 10.36 29.55
CA SER A 127 -4.02 8.92 29.47
C SER A 127 -2.58 8.42 29.55
N GLY A 128 -1.66 9.38 29.60
CA GLY A 128 -0.24 9.17 29.79
C GLY A 128 0.60 8.69 28.65
N GLY A 129 0.10 8.76 27.42
CA GLY A 129 0.84 8.38 26.23
C GLY A 129 1.09 9.72 25.52
N ALA A 130 2.21 9.88 24.84
CA ALA A 130 2.48 11.15 24.17
C ALA A 130 2.82 10.93 22.71
N SER A 131 2.12 11.68 21.84
CA SER A 131 2.34 11.63 20.41
C SER A 131 2.75 12.95 19.77
N VAL A 132 3.99 12.94 19.29
CA VAL A 132 4.45 14.13 18.55
C VAL A 132 4.23 13.88 17.06
N VAL A 133 3.15 14.38 16.47
CA VAL A 133 2.92 14.25 15.04
C VAL A 133 3.56 15.34 14.19
N CYS A 134 3.93 15.02 12.95
CA CYS A 134 4.49 15.94 11.97
C CYS A 134 4.00 15.61 10.56
N PHE A 135 3.49 16.64 9.90
CA PHE A 135 2.94 16.58 8.56
C PHE A 135 3.84 17.33 7.58
N LEU A 136 4.26 16.67 6.53
CA LEU A 136 5.10 17.28 5.51
C LEU A 136 4.28 17.33 4.23
N ASN A 137 3.45 18.36 3.97
CA ASN A 137 2.52 18.34 2.86
C ASN A 137 2.86 18.98 1.51
N ASN A 138 2.23 18.40 0.48
CA ASN A 138 2.32 18.64 -0.92
C ASN A 138 3.68 18.81 -1.60
N PHE A 139 4.62 17.89 -1.45
CA PHE A 139 5.92 18.03 -2.10
C PHE A 139 6.03 17.12 -3.31
N TYR A 140 7.12 17.30 -4.04
CA TYR A 140 7.42 16.51 -5.22
C TYR A 140 8.82 16.98 -5.64
N PRO A 141 9.70 16.02 -5.89
CA PRO A 141 9.43 14.60 -5.82
C PRO A 141 9.22 13.94 -4.48
N LYS A 142 9.04 12.62 -4.51
CA LYS A 142 8.74 11.74 -3.41
C LYS A 142 9.83 11.47 -2.39
N GLU A 143 11.05 11.97 -2.56
CA GLU A 143 12.17 11.65 -1.69
C GLU A 143 12.34 12.70 -0.60
N ILE A 144 12.20 12.24 0.67
CA ILE A 144 12.27 13.18 1.79
C ILE A 144 12.74 12.55 3.08
N ASN A 145 13.89 12.99 3.56
CA ASN A 145 14.45 12.49 4.81
C ASN A 145 13.81 13.18 6.02
N VAL A 146 13.01 12.42 6.78
CA VAL A 146 12.41 12.98 7.98
C VAL A 146 13.22 12.55 9.20
N LYS A 147 13.78 13.53 9.91
CA LYS A 147 14.60 13.22 11.08
C LYS A 147 14.05 13.88 12.33
N TRP A 148 13.95 13.09 13.42
CA TRP A 148 13.42 13.59 14.68
C TRP A 148 14.58 13.85 15.65
N LYS A 149 14.52 15.04 16.24
CA LYS A 149 15.57 15.42 17.17
C LYS A 149 14.86 16.01 18.39
N ILE A 150 15.07 15.35 19.51
CA ILE A 150 14.54 15.76 20.79
C ILE A 150 15.60 16.58 21.55
N ASP A 151 15.31 17.71 22.10
CA ASP A 151 16.29 18.55 22.76
C ASP A 151 17.65 18.58 22.07
N GLY A 152 17.70 18.60 20.75
CA GLY A 152 18.92 18.58 19.99
C GLY A 152 19.30 17.21 19.42
N SER A 153 19.14 16.17 20.22
CA SER A 153 19.56 14.83 19.79
C SER A 153 18.53 14.05 19.00
N GLU A 154 19.00 13.47 17.90
CA GLU A 154 18.20 12.67 16.99
C GLU A 154 17.78 11.30 17.54
N ARG A 155 16.49 11.00 17.47
CA ARG A 155 15.95 9.73 17.92
C ARG A 155 15.16 9.05 16.79
N GLN A 156 15.51 7.80 16.48
CA GLN A 156 14.86 7.10 15.39
C GLN A 156 13.97 5.95 15.81
N ASN A 157 13.77 5.72 17.11
CA ASN A 157 12.89 4.61 17.48
C ASN A 157 11.54 5.10 17.96
N GLY A 158 10.52 4.29 17.67
CA GLY A 158 9.14 4.64 18.00
C GLY A 158 8.73 5.76 17.04
N VAL A 159 8.86 5.54 15.75
CA VAL A 159 8.51 6.53 14.74
C VAL A 159 7.85 5.85 13.53
N LEU A 160 6.57 6.14 13.35
CA LEU A 160 5.76 5.67 12.26
C LEU A 160 5.74 6.70 11.13
N ASP A 161 5.88 6.25 9.89
CA ASP A 161 5.84 7.16 8.75
C ASP A 161 4.83 6.67 7.72
N SER A 162 3.71 7.34 7.58
CA SER A 162 2.74 6.93 6.57
C SER A 162 2.83 7.81 5.34
N TRP A 163 2.71 7.19 4.17
CA TRP A 163 2.74 7.94 2.93
C TRP A 163 1.42 7.93 2.18
N THR A 164 1.23 9.05 1.50
CA THR A 164 0.12 9.31 0.62
C THR A 164 0.58 8.89 -0.77
N GLU A 165 -0.24 8.22 -1.55
CA GLU A 165 0.18 7.86 -2.91
C GLU A 165 0.02 9.14 -3.72
N GLN A 166 0.94 9.39 -4.63
CA GLN A 166 0.93 10.58 -5.47
C GLN A 166 -0.47 11.06 -5.83
N ASP A 167 -0.86 12.20 -5.27
CA ASP A 167 -2.19 12.74 -5.53
C ASP A 167 -2.43 12.83 -7.04
N SER A 168 -3.67 12.67 -7.46
CA SER A 168 -4.00 12.73 -8.89
C SER A 168 -4.56 14.08 -9.29
N LYS A 169 -4.48 15.07 -8.42
CA LYS A 169 -4.98 16.41 -8.71
C LYS A 169 -3.77 17.32 -8.96
N ASP A 170 -2.80 17.20 -8.06
CA ASP A 170 -1.60 18.04 -8.18
C ASP A 170 -0.30 17.31 -8.39
N SER A 171 -0.30 16.00 -8.51
CA SER A 171 0.85 15.15 -8.71
C SER A 171 1.92 15.36 -7.62
N THR A 172 1.46 15.56 -6.39
CA THR A 172 2.43 15.73 -5.30
C THR A 172 2.16 14.61 -4.30
N TYR A 173 3.10 14.43 -3.40
CA TYR A 173 2.96 13.39 -2.41
C TYR A 173 3.24 14.01 -1.05
N SER A 174 2.92 13.25 -0.01
CA SER A 174 3.26 13.77 1.31
C SER A 174 3.07 12.79 2.43
N MET A 175 3.99 12.88 3.39
CA MET A 175 4.00 11.97 4.51
C MET A 175 3.41 12.57 5.78
N SER A 176 3.39 11.73 6.78
CA SER A 176 2.95 11.99 8.12
C SER A 176 4.02 11.28 8.96
N SER A 177 4.69 12.02 9.81
CA SER A 177 5.76 11.47 10.64
C SER A 177 5.31 11.51 12.10
N THR A 178 5.45 10.41 12.82
CA THR A 178 4.93 10.45 14.19
C THR A 178 5.88 9.86 15.21
N LEU A 179 6.26 10.69 16.19
CA LEU A 179 7.05 10.16 17.31
C LEU A 179 6.10 9.73 18.42
N THR A 180 6.34 8.59 19.07
CA THR A 180 5.50 8.25 20.22
C THR A 180 6.39 8.05 21.44
N LEU A 181 6.01 8.68 22.55
CA LEU A 181 6.67 8.65 23.82
C LEU A 181 5.63 8.51 24.93
N THR A 182 6.03 8.13 26.13
CA THR A 182 5.06 8.08 27.23
C THR A 182 4.99 9.46 27.87
N LYS A 183 4.08 9.64 28.83
CA LYS A 183 3.95 10.94 29.48
C LYS A 183 5.21 11.30 30.29
N ASP A 184 5.80 10.30 30.90
CA ASP A 184 6.98 10.44 31.74
C ASP A 184 8.20 10.70 30.85
N GLU A 185 8.21 10.07 29.70
CA GLU A 185 9.32 10.18 28.76
C GLU A 185 9.24 11.46 27.95
N TYR A 186 8.07 12.06 27.82
CA TYR A 186 7.92 13.30 27.07
C TYR A 186 8.29 14.47 27.98
N GLU A 187 7.94 14.38 29.26
CA GLU A 187 8.28 15.41 30.22
C GLU A 187 9.59 15.12 30.95
N ARG A 188 10.66 15.09 30.20
CA ARG A 188 12.02 14.89 30.62
C ARG A 188 12.85 15.73 29.65
N HIS A 189 12.19 16.02 28.53
CA HIS A 189 12.75 16.81 27.44
C HIS A 189 12.00 18.12 27.22
N ASN A 190 12.57 19.02 26.43
CA ASN A 190 11.96 20.34 26.25
C ASN A 190 11.66 20.73 24.82
N SER A 191 12.72 20.81 24.01
CA SER A 191 12.53 21.21 22.61
C SER A 191 12.35 19.96 21.74
N TYR A 192 11.36 20.04 20.85
CA TYR A 192 11.05 18.92 19.96
C TYR A 192 11.13 19.45 18.54
N THR A 193 11.83 18.77 17.65
CA THR A 193 11.99 19.34 16.31
C THR A 193 11.57 18.42 15.18
N CYS A 194 11.05 18.96 14.08
CA CYS A 194 10.67 18.11 12.94
C CYS A 194 11.61 18.39 11.76
N GLU A 195 12.56 17.51 11.47
CA GLU A 195 13.56 17.82 10.45
C GLU A 195 13.42 17.13 9.12
N ALA A 196 13.49 17.94 8.06
CA ALA A 196 13.37 17.48 6.70
C ALA A 196 14.46 17.88 5.73
N THR A 197 15.11 16.90 5.10
CA THR A 197 15.98 17.18 3.97
C THR A 197 15.16 16.77 2.74
N HIS A 198 14.91 17.74 1.88
CA HIS A 198 14.18 17.60 0.66
C HIS A 198 14.94 18.29 -0.47
N LYS A 199 14.92 17.75 -1.68
CA LYS A 199 15.58 18.42 -2.80
C LYS A 199 14.90 19.77 -2.98
N THR A 200 15.56 20.74 -3.56
CA THR A 200 14.95 22.03 -3.89
C THR A 200 15.10 23.07 -2.79
N SER A 201 15.49 22.61 -1.62
CA SER A 201 15.84 23.39 -0.45
C SER A 201 17.14 22.75 0.06
N THR A 202 18.25 23.46 -0.12
CA THR A 202 19.57 22.96 0.22
C THR A 202 19.73 22.63 1.70
N SER A 203 19.07 23.41 2.55
CA SER A 203 19.17 23.25 3.99
C SER A 203 17.86 22.78 4.63
N PRO A 204 17.98 21.84 5.54
CA PRO A 204 16.85 21.24 6.24
C PRO A 204 15.69 22.16 6.48
N ILE A 205 14.48 21.60 6.37
CA ILE A 205 13.30 22.42 6.65
C ILE A 205 12.85 21.91 8.01
N VAL A 206 12.83 22.86 8.95
CA VAL A 206 12.56 22.65 10.35
C VAL A 206 11.40 23.44 10.90
N LYS A 207 10.50 22.77 11.60
CA LYS A 207 9.44 23.39 12.38
C LYS A 207 9.81 22.97 13.81
N SER A 208 9.18 23.50 14.84
CA SER A 208 9.52 23.05 16.19
C SER A 208 8.67 23.75 17.23
N PHE A 209 8.72 23.20 18.44
CA PHE A 209 7.99 23.74 19.56
C PHE A 209 8.70 23.43 20.88
N ASN A 210 8.60 24.37 21.82
CA ASN A 210 9.23 24.18 23.12
C ASN A 210 8.16 23.86 24.15
N ARG A 211 8.38 22.91 25.04
CA ARG A 211 7.45 22.50 26.08
C ARG A 211 7.24 23.53 27.19
N ASN A 212 7.94 24.65 27.16
CA ASN A 212 7.79 25.76 28.08
C ASN A 212 6.78 26.72 27.44
N GLU A 213 7.02 27.00 26.19
CA GLU A 213 6.26 27.78 25.25
C GLU A 213 7.24 28.60 24.39
N CYS A 214 7.42 28.09 23.18
CA CYS A 214 8.28 28.59 22.14
C CYS A 214 8.08 30.07 21.81
N GLN B 1 -16.22 -17.88 -22.70
CA GLN B 1 -15.05 -17.94 -21.79
C GLN B 1 -15.04 -16.72 -20.90
N ASP B 2 -14.94 -16.87 -19.57
CA ASP B 2 -14.88 -15.64 -18.77
C ASP B 2 -14.01 -15.54 -17.54
N GLN B 3 -14.53 -15.58 -16.31
CA GLN B 3 -13.76 -15.21 -15.15
C GLN B 3 -13.69 -15.98 -13.86
N LEU B 4 -12.96 -15.38 -12.90
CA LEU B 4 -12.68 -16.00 -11.61
C LEU B 4 -13.16 -15.24 -10.37
N GLN B 5 -13.88 -15.90 -9.48
CA GLN B 5 -14.46 -15.23 -8.33
C GLN B 5 -13.92 -15.60 -6.97
N GLN B 6 -13.21 -14.71 -6.30
CA GLN B 6 -12.70 -15.09 -4.97
C GLN B 6 -13.63 -14.74 -3.81
N SER B 7 -13.49 -15.52 -2.75
CA SER B 7 -14.24 -15.52 -1.52
C SER B 7 -13.91 -14.23 -0.78
N GLY B 8 -14.70 -13.72 0.17
CA GLY B 8 -14.39 -12.43 0.79
C GLY B 8 -13.31 -12.45 1.85
N ALA B 9 -12.98 -11.32 2.43
CA ALA B 9 -11.92 -11.18 3.44
C ALA B 9 -12.07 -12.03 4.70
N GLU B 10 -10.89 -12.51 5.09
CA GLU B 10 -10.75 -13.39 6.26
C GLU B 10 -9.97 -12.67 7.34
N LEU B 11 -10.45 -12.76 8.57
CA LEU B 11 -9.87 -12.12 9.75
C LEU B 11 -9.59 -13.24 10.77
N VAL B 12 -8.49 -13.95 10.64
CA VAL B 12 -8.25 -15.10 11.49
C VAL B 12 -7.18 -14.90 12.52
N ARG B 13 -7.26 -15.75 13.55
CA ARG B 13 -6.33 -15.75 14.66
C ARG B 13 -5.09 -16.55 14.34
N PRO B 14 -3.99 -16.17 14.98
CA PRO B 14 -2.74 -16.92 14.78
C PRO B 14 -3.05 -18.33 15.25
N GLY B 15 -2.33 -19.31 14.77
CA GLY B 15 -2.54 -20.71 15.10
C GLY B 15 -3.60 -21.42 14.27
N ALA B 16 -4.51 -20.70 13.67
CA ALA B 16 -5.64 -21.14 12.91
C ALA B 16 -5.37 -21.42 11.44
N SER B 17 -6.38 -21.96 10.78
CA SER B 17 -6.43 -22.30 9.39
C SER B 17 -7.42 -21.43 8.61
N VAL B 18 -7.31 -21.34 7.31
CA VAL B 18 -8.28 -20.68 6.44
C VAL B 18 -8.38 -21.53 5.17
N LYS B 19 -9.45 -21.39 4.41
CA LYS B 19 -9.64 -22.00 3.12
C LYS B 19 -10.22 -20.97 2.15
N LEU B 20 -9.46 -20.54 1.16
CA LEU B 20 -9.88 -19.67 0.11
C LEU B 20 -10.41 -20.47 -1.10
N SER B 21 -11.44 -19.95 -1.74
CA SER B 21 -12.18 -20.43 -2.86
C SER B 21 -11.92 -19.70 -4.16
N CYS B 22 -11.82 -20.41 -5.28
CA CYS B 22 -11.72 -19.68 -6.55
C CYS B 22 -12.69 -20.29 -7.57
N LYS B 23 -13.93 -19.78 -7.53
CA LYS B 23 -14.98 -20.29 -8.39
C LYS B 23 -14.60 -19.89 -9.82
N ALA B 24 -14.77 -20.78 -10.80
CA ALA B 24 -14.42 -20.37 -12.17
C ALA B 24 -15.70 -20.42 -13.03
N LEU B 25 -15.84 -19.46 -13.93
CA LEU B 25 -17.04 -19.40 -14.74
C LEU B 25 -16.83 -19.17 -16.23
N GLY B 26 -17.66 -19.78 -17.07
CA GLY B 26 -17.64 -19.48 -18.48
C GLY B 26 -16.71 -20.24 -19.37
N TYR B 27 -16.07 -21.26 -18.87
CA TYR B 27 -15.15 -22.10 -19.60
C TYR B 27 -15.25 -23.48 -18.96
N ILE B 28 -14.52 -24.43 -19.48
CA ILE B 28 -14.43 -25.79 -18.99
C ILE B 28 -13.39 -25.87 -17.86
N PHE B 29 -13.88 -25.91 -16.62
CA PHE B 29 -13.13 -26.04 -15.42
C PHE B 29 -11.92 -26.98 -15.45
N THR B 30 -12.20 -28.26 -15.69
CA THR B 30 -11.15 -29.28 -15.75
C THR B 30 -10.21 -29.22 -16.93
N ASP B 31 -10.04 -28.12 -17.65
CA ASP B 31 -9.09 -28.06 -18.75
C ASP B 31 -7.92 -27.07 -18.59
N TYR B 32 -7.93 -26.23 -17.54
CA TYR B 32 -7.06 -25.10 -17.39
C TYR B 32 -6.54 -25.04 -15.98
N GLU B 33 -5.23 -24.92 -15.79
CA GLU B 33 -4.56 -24.85 -14.51
C GLU B 33 -5.00 -23.63 -13.70
N ILE B 34 -5.15 -23.83 -12.39
CA ILE B 34 -5.42 -22.63 -11.57
C ILE B 34 -4.19 -22.49 -10.66
N HIS B 35 -3.58 -21.29 -10.60
CA HIS B 35 -2.48 -21.05 -9.67
C HIS B 35 -2.80 -19.96 -8.69
N TRP B 36 -2.15 -20.09 -7.57
CA TRP B 36 -2.24 -19.31 -6.34
C TRP B 36 -0.97 -18.54 -6.09
N VAL B 37 -1.07 -17.25 -6.01
CA VAL B 37 -0.08 -16.22 -5.85
C VAL B 37 -0.43 -15.36 -4.64
N LYS B 38 0.62 -14.92 -3.98
CA LYS B 38 0.59 -14.14 -2.74
C LYS B 38 1.26 -12.78 -2.84
N GLN B 39 0.52 -11.73 -2.46
CA GLN B 39 1.07 -10.35 -2.48
C GLN B 39 1.31 -9.71 -1.12
N THR B 40 2.48 -9.15 -0.93
CA THR B 40 2.83 -8.39 0.27
C THR B 40 3.80 -7.24 -0.06
N PRO B 41 3.71 -6.25 0.83
CA PRO B 41 4.63 -5.11 0.79
C PRO B 41 6.04 -5.64 0.94
N VAL B 42 6.42 -6.50 1.87
CA VAL B 42 7.84 -6.86 1.93
C VAL B 42 8.24 -7.56 0.65
N HIS B 43 7.81 -8.81 0.44
CA HIS B 43 8.25 -9.60 -0.69
C HIS B 43 7.55 -9.41 -2.03
N GLY B 44 6.41 -8.74 -2.05
CA GLY B 44 5.74 -8.54 -3.33
C GLY B 44 5.10 -9.83 -3.79
N LEU B 45 5.20 -10.09 -5.09
CA LEU B 45 4.54 -11.28 -5.66
C LEU B 45 5.35 -12.55 -5.47
N GLU B 46 4.56 -13.51 -4.98
CA GLU B 46 5.05 -14.86 -4.70
C GLU B 46 4.06 -15.93 -5.15
N TRP B 47 4.52 -16.93 -5.86
CA TRP B 47 3.71 -18.05 -6.30
C TRP B 47 3.65 -19.19 -5.30
N ILE B 48 2.46 -19.55 -4.83
CA ILE B 48 2.32 -20.59 -3.84
C ILE B 48 2.36 -21.97 -4.49
N GLY B 49 1.71 -22.08 -5.63
CA GLY B 49 1.49 -23.32 -6.34
C GLY B 49 0.31 -23.29 -7.32
N GLY B 50 0.18 -24.45 -7.99
CA GLY B 50 -0.82 -24.69 -8.99
C GLY B 50 -1.55 -26.02 -8.90
N ILE B 51 -2.78 -26.00 -9.44
CA ILE B 51 -3.54 -27.24 -9.50
C ILE B 51 -4.02 -27.49 -10.90
N HIS B 52 -4.19 -28.75 -11.29
CA HIS B 52 -4.86 -29.05 -12.56
C HIS B 52 -6.21 -29.67 -12.18
N PRO B 53 -7.29 -28.91 -12.39
CA PRO B 53 -8.63 -29.37 -11.95
C PRO B 53 -8.96 -30.65 -12.69
N GLY B 54 -8.55 -30.83 -13.96
CA GLY B 54 -8.82 -32.07 -14.65
C GLY B 54 -8.04 -33.30 -14.25
N SER B 55 -6.71 -33.22 -14.14
CA SER B 55 -5.86 -34.34 -13.75
C SER B 55 -5.65 -34.50 -12.26
N SER B 56 -6.01 -33.48 -11.48
CA SER B 56 -5.73 -33.42 -10.06
C SER B 56 -4.25 -33.23 -9.73
N GLY B 57 -3.38 -32.91 -10.65
CA GLY B 57 -1.96 -32.72 -10.42
C GLY B 57 -1.84 -31.35 -9.73
N THR B 58 -0.77 -31.25 -8.94
CA THR B 58 -0.43 -30.06 -8.16
C THR B 58 1.07 -29.79 -8.18
N ALA B 59 1.42 -28.53 -8.13
CA ALA B 59 2.81 -28.08 -8.10
C ALA B 59 2.81 -27.02 -6.98
N TYR B 60 3.77 -27.23 -6.08
CA TYR B 60 3.87 -26.36 -4.92
C TYR B 60 5.20 -25.66 -5.00
N ASN B 61 5.29 -24.52 -4.36
CA ASN B 61 6.50 -23.79 -4.12
C ASN B 61 7.07 -24.37 -2.81
N GLN B 62 8.40 -24.48 -2.76
CA GLN B 62 9.04 -25.06 -1.58
C GLN B 62 8.87 -24.13 -0.39
N LYS B 63 8.75 -22.81 -0.57
CA LYS B 63 8.42 -21.93 0.52
C LYS B 63 7.08 -22.29 1.17
N PHE B 64 6.01 -22.72 0.51
CA PHE B 64 4.71 -22.90 1.12
C PHE B 64 4.17 -24.32 1.18
N LYS B 65 5.03 -25.28 0.82
CA LYS B 65 4.63 -26.70 0.77
C LYS B 65 4.19 -27.26 2.11
N GLY B 66 4.79 -26.86 3.22
CA GLY B 66 4.38 -27.34 4.54
C GLY B 66 3.16 -26.62 5.10
N LYS B 67 2.75 -25.53 4.46
CA LYS B 67 1.64 -24.71 4.86
C LYS B 67 0.47 -24.64 3.88
N ALA B 68 0.67 -24.99 2.62
CA ALA B 68 -0.42 -24.91 1.64
C ALA B 68 -1.00 -26.23 1.15
N THR B 69 -2.31 -26.28 0.94
CA THR B 69 -2.99 -27.44 0.41
C THR B 69 -3.96 -27.02 -0.69
N LEU B 70 -3.60 -27.39 -1.90
CA LEU B 70 -4.44 -27.06 -3.05
C LEU B 70 -5.36 -28.22 -3.37
N THR B 71 -6.64 -27.90 -3.46
CA THR B 71 -7.71 -28.77 -3.89
C THR B 71 -8.61 -28.11 -4.92
N ALA B 72 -9.51 -28.84 -5.52
CA ALA B 72 -10.44 -28.39 -6.55
C ALA B 72 -11.67 -29.29 -6.44
N ASP B 73 -12.81 -28.69 -6.78
CA ASP B 73 -14.08 -29.40 -6.76
C ASP B 73 -14.76 -29.19 -8.11
N LYS B 74 -14.72 -30.20 -8.95
CA LYS B 74 -15.26 -30.20 -10.29
C LYS B 74 -16.74 -29.81 -10.35
N SER B 75 -17.50 -30.41 -9.42
CA SER B 75 -18.92 -30.20 -9.35
C SER B 75 -19.16 -28.70 -9.22
N SER B 76 -18.51 -28.00 -8.30
CA SER B 76 -18.80 -26.57 -8.20
C SER B 76 -17.81 -25.69 -8.90
N THR B 77 -16.87 -26.29 -9.63
CA THR B 77 -15.89 -25.55 -10.43
C THR B 77 -15.24 -24.43 -9.60
N THR B 78 -14.75 -24.87 -8.44
CA THR B 78 -14.08 -24.08 -7.46
C THR B 78 -12.73 -24.73 -7.10
N ALA B 79 -11.72 -23.82 -7.07
CA ALA B 79 -10.39 -24.21 -6.64
C ALA B 79 -10.31 -23.93 -5.15
N PHE B 80 -9.86 -24.81 -4.28
CA PHE B 80 -9.59 -24.48 -2.89
C PHE B 80 -8.08 -24.48 -2.66
N MET B 81 -7.73 -23.48 -1.85
CA MET B 81 -6.36 -23.37 -1.32
C MET B 81 -6.44 -23.28 0.21
N GLU B 82 -5.87 -24.15 0.98
CA GLU B 82 -6.02 -24.11 2.46
C GLU B 82 -4.72 -23.65 3.12
N LEU B 83 -4.75 -22.66 4.00
CA LEU B 83 -3.50 -22.13 4.58
C LEU B 83 -3.52 -22.49 6.06
N SER B 84 -2.55 -23.30 6.49
CA SER B 84 -2.70 -23.70 7.90
C SER B 84 -1.60 -23.18 8.77
N SER B 85 -1.81 -23.35 10.08
CA SER B 85 -0.90 -22.90 11.14
C SER B 85 -0.67 -21.43 10.85
N LEU B 86 -1.72 -20.61 10.94
CA LEU B 86 -1.47 -19.21 10.56
C LEU B 86 -0.55 -18.44 11.50
N THR B 87 0.31 -17.71 10.81
CA THR B 87 1.29 -16.83 11.45
C THR B 87 1.12 -15.41 10.97
N SER B 88 1.65 -14.43 11.66
CA SER B 88 1.58 -13.05 11.20
C SER B 88 2.18 -12.78 9.83
N GLU B 89 3.01 -13.66 9.29
CA GLU B 89 3.58 -13.52 7.98
C GLU B 89 2.69 -14.08 6.88
N ASP B 90 1.47 -14.48 7.20
CA ASP B 90 0.53 -15.00 6.20
C ASP B 90 -0.53 -13.95 5.83
N SER B 91 -0.47 -12.85 6.57
CA SER B 91 -1.30 -11.67 6.33
C SER B 91 -0.83 -11.16 4.96
N ALA B 92 -1.82 -10.99 4.07
CA ALA B 92 -1.50 -10.66 2.69
C ALA B 92 -2.68 -10.71 1.71
N VAL B 93 -2.37 -10.32 0.47
CA VAL B 93 -3.34 -10.53 -0.60
C VAL B 93 -2.95 -11.83 -1.39
N TYR B 94 -3.99 -12.70 -1.44
CA TYR B 94 -3.94 -13.93 -2.18
C TYR B 94 -4.83 -13.94 -3.43
N TYR B 95 -4.18 -14.11 -4.60
CA TYR B 95 -4.91 -14.16 -5.86
C TYR B 95 -4.98 -15.56 -6.45
N CYS B 96 -6.04 -15.86 -7.18
CA CYS B 96 -6.11 -17.13 -7.92
C CYS B 96 -6.03 -16.69 -9.35
N THR B 97 -5.26 -17.26 -10.23
CA THR B 97 -5.11 -16.78 -11.59
C THR B 97 -5.20 -17.99 -12.50
N ARG B 98 -5.58 -17.74 -13.75
CA ARG B 98 -5.57 -18.81 -14.75
C ARG B 98 -4.53 -18.45 -15.77
N LYS B 99 -3.62 -17.62 -15.38
CA LYS B 99 -2.49 -17.00 -16.02
C LYS B 99 -2.89 -15.86 -16.93
N ASP B 100 -3.88 -16.03 -17.81
CA ASP B 100 -4.34 -14.89 -18.61
C ASP B 100 -5.32 -13.97 -17.86
N TYR B 101 -6.17 -14.49 -17.03
CA TYR B 101 -7.14 -13.81 -16.22
C TYR B 101 -6.94 -14.11 -14.74
N TRP B 102 -7.28 -13.19 -13.85
CA TRP B 102 -7.14 -13.21 -12.42
C TRP B 102 -8.42 -12.97 -11.65
N GLY B 103 -8.50 -13.58 -10.47
CA GLY B 103 -9.54 -13.24 -9.49
C GLY B 103 -9.21 -11.84 -8.92
N GLN B 104 -10.14 -11.30 -8.12
CA GLN B 104 -9.91 -9.97 -7.58
C GLN B 104 -9.03 -9.93 -6.33
N GLY B 105 -8.83 -11.05 -5.65
CA GLY B 105 -8.02 -11.03 -4.44
C GLY B 105 -8.88 -11.35 -3.23
N THR B 106 -8.24 -11.95 -2.24
CA THR B 106 -8.81 -12.23 -0.95
C THR B 106 -7.82 -11.78 0.14
N LEU B 107 -8.25 -10.72 0.85
CA LEU B 107 -7.41 -10.23 1.93
C LEU B 107 -7.60 -11.12 3.17
N VAL B 108 -6.46 -11.59 3.66
CA VAL B 108 -6.41 -12.41 4.86
C VAL B 108 -5.58 -11.67 5.90
N THR B 109 -6.14 -11.41 7.07
CA THR B 109 -5.44 -10.72 8.15
C THR B 109 -5.41 -11.70 9.31
N VAL B 110 -4.23 -12.09 9.72
CA VAL B 110 -4.07 -12.94 10.89
C VAL B 110 -3.85 -11.99 12.07
N SER B 111 -4.64 -12.05 13.13
CA SER B 111 -4.45 -11.17 14.26
C SER B 111 -4.99 -11.68 15.61
N ALA B 112 -4.15 -11.41 16.62
CA ALA B 112 -4.55 -11.78 17.98
C ALA B 112 -5.33 -10.66 18.66
N ALA B 113 -5.58 -9.54 18.03
CA ALA B 113 -6.25 -8.41 18.63
C ALA B 113 -7.70 -8.62 19.03
N LYS B 114 -8.30 -7.65 19.71
CA LYS B 114 -9.69 -7.73 20.13
C LYS B 114 -10.40 -6.50 19.57
N THR B 115 -11.73 -6.52 19.46
CA THR B 115 -12.30 -5.26 18.95
C THR B 115 -11.91 -4.15 19.94
N THR B 116 -11.15 -3.20 19.37
CA THR B 116 -10.71 -2.03 20.13
C THR B 116 -11.12 -0.75 19.42
N ALA B 117 -11.70 0.24 20.11
CA ALA B 117 -12.12 1.49 19.51
C ALA B 117 -10.97 2.50 19.58
N PRO B 118 -11.03 3.46 18.66
CA PRO B 118 -10.02 4.48 18.58
C PRO B 118 -10.10 5.53 19.67
N SER B 119 -8.98 6.22 19.77
CA SER B 119 -8.87 7.41 20.62
C SER B 119 -8.70 8.52 19.57
N VAL B 120 -9.76 9.32 19.39
CA VAL B 120 -9.59 10.40 18.42
C VAL B 120 -9.04 11.60 19.18
N TYR B 121 -7.84 12.03 18.87
CA TYR B 121 -7.16 13.11 19.54
C TYR B 121 -7.00 14.31 18.62
N PRO B 122 -7.68 15.42 18.96
CA PRO B 122 -7.67 16.66 18.20
C PRO B 122 -6.27 17.22 18.05
N LEU B 123 -5.82 17.58 16.87
CA LEU B 123 -4.46 18.08 16.75
C LEU B 123 -4.44 19.58 16.45
N VAL B 124 -4.26 20.27 17.55
CA VAL B 124 -4.17 21.70 17.73
C VAL B 124 -2.83 22.22 17.23
N PRO B 125 -2.82 23.32 16.50
CA PRO B 125 -1.62 23.98 16.03
C PRO B 125 -0.92 24.68 17.18
N VAL B 126 0.40 24.57 17.30
CA VAL B 126 1.13 25.15 18.43
C VAL B 126 0.48 26.42 18.95
N CYS B 127 -0.05 26.35 20.17
CA CYS B 127 -0.73 27.49 20.78
C CYS B 127 0.23 28.14 21.79
N GLY B 128 0.96 29.04 21.19
CA GLY B 128 2.05 29.82 21.78
C GLY B 128 3.10 29.73 20.65
N GLY B 129 2.53 29.77 19.43
CA GLY B 129 3.32 29.60 18.24
C GLY B 129 2.96 30.42 17.02
N THR B 130 3.90 30.37 16.08
CA THR B 130 4.05 31.01 14.80
C THR B 130 2.92 31.02 13.80
N THR B 131 2.97 31.93 12.83
CA THR B 131 1.92 32.11 11.83
C THR B 131 2.37 32.27 10.39
N GLY B 132 1.40 32.17 9.48
CA GLY B 132 1.62 32.32 8.04
C GLY B 132 0.34 32.61 7.28
N SER B 133 0.36 32.38 5.97
CA SER B 133 -0.79 32.62 5.10
C SER B 133 -1.70 31.41 4.90
N SER B 134 -1.76 30.52 5.88
CA SER B 134 -2.58 29.34 5.91
C SER B 134 -2.37 28.52 7.18
N VAL B 135 -3.40 27.84 7.64
CA VAL B 135 -3.38 27.04 8.86
C VAL B 135 -3.75 25.58 8.66
N THR B 136 -2.92 24.68 9.20
CA THR B 136 -3.23 23.25 9.11
C THR B 136 -3.59 22.61 10.45
N LEU B 137 -4.79 22.06 10.46
CA LEU B 137 -5.35 21.32 11.58
C LEU B 137 -4.97 19.85 11.40
N GLY B 138 -5.29 19.00 12.35
CA GLY B 138 -4.93 17.60 12.32
C GLY B 138 -5.88 16.80 13.21
N CYS B 139 -5.76 15.49 13.22
CA CYS B 139 -6.59 14.56 13.94
C CYS B 139 -5.90 13.21 14.05
N LEU B 140 -5.94 12.55 15.20
CA LEU B 140 -5.28 11.28 15.39
C LEU B 140 -6.19 10.19 15.92
N VAL B 141 -6.30 9.09 15.18
CA VAL B 141 -7.14 7.95 15.64
C VAL B 141 -6.15 6.83 15.94
N LYS B 142 -5.76 6.72 17.21
CA LYS B 142 -4.72 5.74 17.57
C LYS B 142 -5.31 4.56 18.31
N GLY B 143 -4.79 3.37 18.03
CA GLY B 143 -5.18 2.13 18.57
C GLY B 143 -6.48 1.45 18.26
N TYR B 144 -6.89 1.26 17.01
CA TYR B 144 -8.13 0.52 16.73
C TYR B 144 -7.84 -0.86 16.16
N PHE B 145 -8.85 -1.65 15.87
CA PHE B 145 -8.80 -2.99 15.33
C PHE B 145 -10.20 -3.62 15.38
N PRO B 146 -10.64 -4.07 14.21
CA PRO B 146 -9.87 -4.02 12.99
C PRO B 146 -10.09 -2.81 12.12
N GLU B 147 -9.47 -2.78 10.94
CA GLU B 147 -9.81 -1.70 9.98
C GLU B 147 -11.20 -2.09 9.46
N PRO B 148 -11.87 -1.22 8.74
CA PRO B 148 -11.33 0.10 8.43
C PRO B 148 -11.59 1.14 9.51
N VAL B 149 -11.89 2.37 9.14
CA VAL B 149 -12.12 3.54 9.94
C VAL B 149 -12.23 4.68 8.92
N THR B 150 -13.38 5.27 8.68
CA THR B 150 -13.50 6.36 7.71
C THR B 150 -13.52 7.64 8.52
N LEU B 151 -12.64 8.58 8.24
CA LEU B 151 -12.74 9.82 9.01
C LEU B 151 -13.07 10.94 8.01
N THR B 152 -13.89 11.87 8.48
CA THR B 152 -14.20 13.02 7.64
C THR B 152 -14.03 14.32 8.42
N TRP B 153 -13.91 15.38 7.64
CA TRP B 153 -13.68 16.71 8.23
C TRP B 153 -14.84 17.65 8.01
N ASN B 154 -15.66 17.79 9.05
CA ASN B 154 -16.83 18.66 8.92
C ASN B 154 -17.72 17.94 7.90
N SER B 155 -18.03 16.72 8.31
CA SER B 155 -18.87 15.76 7.66
C SER B 155 -18.83 15.66 6.14
N GLY B 156 -17.64 15.64 5.55
CA GLY B 156 -17.46 15.48 4.13
C GLY B 156 -17.80 16.68 3.25
N SER B 157 -18.09 17.80 3.90
CA SER B 157 -18.47 19.03 3.22
C SER B 157 -17.30 19.99 3.21
N LEU B 158 -16.36 19.76 4.11
CA LEU B 158 -15.10 20.52 4.16
C LEU B 158 -14.01 19.53 3.74
N SER B 159 -13.84 19.38 2.42
CA SER B 159 -12.90 18.41 1.89
C SER B 159 -12.28 18.77 0.55
N SER B 160 -11.53 19.85 0.52
CA SER B 160 -10.79 20.29 -0.66
C SER B 160 -9.30 20.30 -0.28
N GLY B 161 -9.03 20.59 0.99
CA GLY B 161 -7.66 20.60 1.47
C GLY B 161 -7.42 19.46 2.44
N VAL B 162 -8.10 18.32 2.25
CA VAL B 162 -7.95 17.19 3.17
C VAL B 162 -6.93 16.15 2.72
N HIS B 163 -6.28 15.58 3.75
CA HIS B 163 -5.29 14.54 3.68
C HIS B 163 -5.56 13.50 4.77
N THR B 164 -5.62 12.25 4.38
CA THR B 164 -5.87 11.10 5.23
C THR B 164 -4.84 10.02 4.90
N PHE B 165 -4.04 9.64 5.90
CA PHE B 165 -2.98 8.69 5.62
C PHE B 165 -3.39 7.26 5.94
N PRO B 166 -2.76 6.35 5.20
CA PRO B 166 -3.01 4.94 5.38
C PRO B 166 -2.68 4.59 6.81
N ALA B 167 -3.50 3.73 7.37
CA ALA B 167 -3.46 3.26 8.74
C ALA B 167 -2.29 2.33 9.04
N LEU B 168 -1.38 2.80 9.86
CA LEU B 168 -0.22 2.02 10.23
C LEU B 168 -0.53 1.14 11.44
N LEU B 169 0.33 0.13 11.58
CA LEU B 169 0.24 -0.83 12.65
C LEU B 169 1.34 -0.57 13.66
N GLN B 170 0.93 -0.62 14.91
CA GLN B 170 1.87 -0.40 16.00
C GLN B 170 1.27 -1.02 17.24
N SER B 171 2.03 -1.80 17.99
CA SER B 171 1.58 -2.41 19.23
C SER B 171 0.49 -3.43 19.07
N GLY B 172 0.23 -3.88 17.86
CA GLY B 172 -0.85 -4.79 17.54
C GLY B 172 -2.03 -3.98 17.02
N LEU B 173 -2.06 -2.66 17.22
CA LEU B 173 -3.21 -1.89 16.79
C LEU B 173 -2.95 -0.91 15.66
N TYR B 174 -4.02 -0.35 15.11
CA TYR B 174 -3.91 0.59 14.02
C TYR B 174 -3.89 2.05 14.47
N THR B 175 -3.19 2.90 13.73
CA THR B 175 -3.19 4.32 14.01
C THR B 175 -3.31 5.03 12.65
N LEU B 176 -4.25 5.93 12.44
CA LEU B 176 -4.29 6.66 11.16
C LEU B 176 -4.19 8.16 11.46
N SER B 177 -3.90 8.98 10.47
CA SER B 177 -3.78 10.40 10.81
C SER B 177 -4.26 11.25 9.64
N SER B 178 -4.92 12.37 10.02
CA SER B 178 -5.48 13.23 8.95
C SER B 178 -5.11 14.71 9.11
N SER B 179 -4.92 15.37 7.96
CA SER B 179 -4.54 16.77 7.91
C SER B 179 -5.31 17.73 7.01
N VAL B 180 -6.01 18.75 7.55
CA VAL B 180 -6.65 19.73 6.69
C VAL B 180 -5.97 21.11 6.74
N THR B 181 -5.69 21.56 5.51
CA THR B 181 -5.09 22.84 5.25
C THR B 181 -6.20 23.83 4.89
N VAL B 182 -6.52 24.68 5.86
CA VAL B 182 -7.55 25.68 5.65
C VAL B 182 -6.94 27.09 5.70
N THR B 183 -7.62 27.96 4.98
CA THR B 183 -7.31 29.39 4.93
C THR B 183 -6.99 29.93 6.32
N SER B 184 -5.91 30.69 6.43
CA SER B 184 -5.54 31.28 7.72
C SER B 184 -6.58 32.25 8.25
N ASN B 185 -7.41 32.84 7.41
CA ASN B 185 -8.51 33.70 7.81
C ASN B 185 -9.81 32.89 7.81
N THR B 186 -9.85 31.73 8.47
CA THR B 186 -11.04 30.91 8.53
C THR B 186 -11.18 30.11 9.83
N TRP B 187 -10.09 29.49 10.32
CA TRP B 187 -10.26 28.58 11.44
C TRP B 187 -10.97 29.07 12.63
N PRO B 188 -10.55 29.75 13.65
CA PRO B 188 -11.33 29.92 14.84
C PRO B 188 -12.77 30.35 14.72
N SER B 189 -13.21 31.04 13.67
CA SER B 189 -14.61 31.39 13.48
C SER B 189 -15.35 30.15 13.00
N GLN B 190 -15.25 29.88 11.69
CA GLN B 190 -15.89 28.69 11.14
C GLN B 190 -15.17 27.46 11.71
N THR B 191 -15.75 26.82 12.71
CA THR B 191 -15.16 25.66 13.36
C THR B 191 -14.91 24.46 12.46
N ILE B 192 -13.78 23.79 12.70
CA ILE B 192 -13.47 22.55 12.01
C ILE B 192 -13.47 21.41 13.02
N THR B 193 -14.28 20.40 12.75
CA THR B 193 -14.50 19.22 13.56
C THR B 193 -14.07 17.93 12.87
N CYS B 194 -13.33 17.07 13.56
CA CYS B 194 -12.89 15.78 13.03
C CYS B 194 -13.93 14.70 13.30
N ASN B 195 -14.51 14.12 12.26
CA ASN B 195 -15.55 13.11 12.48
C ASN B 195 -14.99 11.72 12.27
N VAL B 196 -15.04 10.86 13.30
CA VAL B 196 -14.44 9.52 13.16
C VAL B 196 -15.42 8.42 13.60
N ALA B 197 -15.61 7.47 12.67
CA ALA B 197 -16.48 6.31 12.87
C ALA B 197 -15.77 4.96 12.73
N HIS B 198 -15.86 4.15 13.79
CA HIS B 198 -15.29 2.81 13.76
C HIS B 198 -16.40 1.78 13.80
N PRO B 199 -16.90 1.34 12.65
CA PRO B 199 -17.81 0.21 12.60
C PRO B 199 -16.98 -1.00 13.05
N ALA B 200 -17.55 -1.84 13.88
CA ALA B 200 -16.92 -3.01 14.46
C ALA B 200 -17.03 -2.86 15.98
N SER B 201 -17.05 -1.59 16.38
CA SER B 201 -17.18 -1.22 17.78
C SER B 201 -18.43 -0.33 17.87
N SER B 202 -18.87 0.08 16.68
CA SER B 202 -20.08 0.88 16.52
C SER B 202 -19.92 2.22 17.21
N THR B 203 -18.79 2.88 16.93
CA THR B 203 -18.52 4.16 17.57
C THR B 203 -18.32 5.27 16.54
N LYS B 204 -18.87 6.43 16.89
CA LYS B 204 -18.74 7.62 16.06
C LYS B 204 -18.45 8.82 16.94
N VAL B 205 -17.18 9.04 17.18
CA VAL B 205 -16.65 10.16 17.97
C VAL B 205 -16.49 11.40 17.07
N ASP B 206 -16.79 12.55 17.65
CA ASP B 206 -16.59 13.83 16.96
C ASP B 206 -15.76 14.68 17.93
N LYS B 207 -14.52 14.99 17.56
CA LYS B 207 -13.67 15.77 18.46
C LYS B 207 -13.52 17.19 17.92
N LYS B 208 -13.87 18.14 18.77
CA LYS B 208 -13.78 19.56 18.46
C LYS B 208 -12.33 19.96 18.30
N ILE B 209 -11.89 20.58 17.20
CA ILE B 209 -10.47 21.00 17.18
C ILE B 209 -10.45 22.47 17.63
N GLU B 210 -9.92 22.59 18.85
CA GLU B 210 -9.86 23.81 19.63
C GLU B 210 -8.47 24.21 20.10
N PRO B 211 -8.17 25.50 19.98
CA PRO B 211 -6.91 26.09 20.39
C PRO B 211 -6.68 26.10 21.90
N ARG B 212 -5.44 26.24 22.37
CA ARG B 212 -5.21 26.18 23.82
C ARG B 212 -3.99 26.77 24.48
N VAL B 213 -4.07 27.91 25.18
CA VAL B 213 -2.95 28.36 26.01
C VAL B 213 -3.41 28.07 27.46
N GLY C 1 -5.41 -25.75 -22.93
CA GLY C 1 -4.96 -25.22 -21.65
C GLY C 1 -3.96 -24.11 -21.96
N LEU C 2 -4.39 -23.06 -22.66
CA LEU C 2 -3.56 -21.97 -23.11
C LEU C 2 -2.44 -22.54 -23.99
N TYR C 3 -2.76 -23.37 -24.99
CA TYR C 3 -1.77 -23.99 -25.85
C TYR C 3 -0.69 -23.03 -26.34
N GLU C 4 -1.08 -21.86 -26.79
CA GLU C 4 -0.29 -20.84 -27.38
C GLU C 4 0.78 -20.30 -26.43
N TRP C 5 0.48 -20.33 -25.13
CA TRP C 5 1.37 -19.78 -24.13
C TRP C 5 2.67 -20.56 -23.99
N GLY C 6 2.63 -21.87 -24.07
CA GLY C 6 3.86 -22.65 -23.93
C GLY C 6 4.24 -22.68 -22.44
N GLY C 7 5.50 -22.94 -22.17
CA GLY C 7 6.01 -22.93 -20.83
C GLY C 7 5.66 -23.99 -19.85
N ALA C 8 6.23 -24.02 -18.67
CA ALA C 8 6.04 -25.05 -17.67
C ALA C 8 4.61 -25.53 -17.61
N ARG C 9 4.28 -26.79 -17.45
CA ARG C 9 2.91 -27.24 -17.24
C ARG C 9 2.89 -28.25 -16.08
N ILE C 10 1.79 -28.38 -15.37
CA ILE C 10 1.70 -29.40 -14.32
C ILE C 10 1.44 -30.70 -15.06
N THR C 11 0.79 -30.54 -16.18
CA THR C 11 0.40 -31.49 -17.21
C THR C 11 -0.99 -31.96 -16.79
#